data_8FB0
#
_entry.id   8FB0
#
_cell.length_a   90.288
_cell.length_b   90.288
_cell.length_c   45.255
_cell.angle_alpha   90.000
_cell.angle_beta   90.000
_cell.angle_gamma   120.000
#
_symmetry.space_group_name_H-M   'P 6'
#
loop_
_entity.id
_entity.type
_entity.pdbx_description
1 polymer Myoglobin
2 non-polymer 'PROTOPORPHYRIN IX CONTAINING FE'
3 non-polymer ACETAMIDE
4 non-polymer GLYCEROL
5 non-polymer 'SULFATE ION'
6 water water
#
_entity_poly.entity_id   1
_entity_poly.type   'polypeptide(L)'
_entity_poly.pdbx_seq_one_letter_code
;MVLSEGEWQLVLHVWAKVEADVAGHGQDILIRLFKSHPETLEKFDRFKHLKTEAEMKASEDLKKQGVTVLTALGAILKKK
GHHEAELKPLAQSHATKHKIPIKYLEFISEAIIHVLHSRHPGNFGADAQGAMNKALELFRKDIAAKYKELGYQG
;
_entity_poly.pdbx_strand_id   A
#
loop_
_chem_comp.id
_chem_comp.type
_chem_comp.name
_chem_comp.formula
ACM non-polymer ACETAMIDE 'C2 H5 N O'
GOL non-polymer GLYCEROL 'C3 H8 O3'
HEM non-polymer 'PROTOPORPHYRIN IX CONTAINING FE' 'C34 H32 Fe N4 O4'
SO4 non-polymer 'SULFATE ION' 'O4 S -2'
#
# COMPACT_ATOMS: atom_id res chain seq x y z
N VAL A 2 -16.73 -9.37 1.28
CA VAL A 2 -17.23 -8.44 0.25
C VAL A 2 -17.64 -7.09 0.82
N LEU A 3 -17.06 -6.01 0.28
CA LEU A 3 -17.41 -4.68 0.75
C LEU A 3 -18.73 -4.22 0.14
N SER A 4 -19.46 -3.43 0.91
CA SER A 4 -20.63 -2.77 0.37
C SER A 4 -20.23 -1.58 -0.50
N GLU A 5 -21.15 -1.11 -1.33
CA GLU A 5 -20.85 0.08 -2.12
C GLU A 5 -20.61 1.29 -1.21
N GLY A 6 -21.34 1.37 -0.09
CA GLY A 6 -21.10 2.45 0.84
C GLY A 6 -19.69 2.41 1.42
N GLU A 7 -19.18 1.20 1.69
CA GLU A 7 -17.80 1.05 2.15
C GLU A 7 -16.81 1.44 1.06
N TRP A 8 -17.06 1.00 -0.19
CA TRP A 8 -16.19 1.43 -1.28
C TRP A 8 -16.17 2.95 -1.40
N GLN A 9 -17.33 3.61 -1.23
CA GLN A 9 -17.33 5.05 -1.38
C GLN A 9 -16.52 5.74 -0.29
N LEU A 10 -16.50 5.19 0.93
CA LEU A 10 -15.64 5.74 1.96
C LEU A 10 -14.18 5.58 1.59
N VAL A 11 -13.83 4.44 0.99
CA VAL A 11 -12.47 4.21 0.54
C VAL A 11 -12.09 5.22 -0.55
N LEU A 12 -12.96 5.35 -1.56
CA LEU A 12 -12.64 6.21 -2.69
C LEU A 12 -12.66 7.69 -2.32
N HIS A 13 -13.46 8.07 -1.32
CA HIS A 13 -13.48 9.48 -0.93
C HIS A 13 -12.22 9.91 -0.21
N VAL A 14 -11.62 9.03 0.60
CA VAL A 14 -10.32 9.41 1.14
C VAL A 14 -9.23 9.28 0.08
N TRP A 15 -9.35 8.32 -0.85
CA TRP A 15 -8.33 8.22 -1.89
C TRP A 15 -8.31 9.47 -2.77
N ALA A 16 -9.48 10.10 -2.96
CA ALA A 16 -9.54 11.34 -3.72
C ALA A 16 -8.64 12.42 -3.10
N LYS A 17 -8.47 12.39 -1.78
CA LYS A 17 -7.60 13.38 -1.14
C LYS A 17 -6.14 12.99 -1.29
N VAL A 18 -5.82 11.71 -1.18
CA VAL A 18 -4.49 11.23 -1.52
C VAL A 18 -4.07 11.76 -2.89
N GLU A 19 -4.99 11.71 -3.86
CA GLU A 19 -4.66 12.09 -5.23
C GLU A 19 -4.46 13.58 -5.41
N ALA A 20 -4.74 14.41 -4.40
CA ALA A 20 -4.31 15.80 -4.47
C ALA A 20 -2.79 15.89 -4.59
N ASP A 21 -2.09 14.92 -4.03
CA ASP A 21 -0.63 14.95 -3.98
C ASP A 21 -0.12 13.54 -3.69
N VAL A 22 -0.17 12.67 -4.70
CA VAL A 22 0.15 11.28 -4.40
C VAL A 22 1.63 11.15 -4.01
N ALA A 23 2.49 12.00 -4.56
CA ALA A 23 3.92 11.91 -4.24
C ALA A 23 4.16 12.16 -2.75
N GLY A 24 3.55 13.21 -2.19
CA GLY A 24 3.73 13.51 -0.79
C GLY A 24 3.18 12.42 0.11
N HIS A 25 2.01 11.88 -0.25
CA HIS A 25 1.45 10.78 0.54
C HIS A 25 2.34 9.55 0.46
N GLY A 26 2.91 9.28 -0.72
CA GLY A 26 3.77 8.12 -0.87
C GLY A 26 5.06 8.23 -0.06
N GLN A 27 5.65 9.43 -0.01
CA GLN A 27 6.80 9.63 0.86
C GLN A 27 6.44 9.34 2.31
N ASP A 28 5.33 9.92 2.79
CA ASP A 28 4.95 9.72 4.19
C ASP A 28 4.74 8.24 4.48
N ILE A 29 4.07 7.53 3.58
CA ILE A 29 3.70 6.14 3.82
C ILE A 29 4.94 5.24 3.79
N LEU A 30 5.81 5.40 2.80
CA LEU A 30 7.02 4.57 2.76
C LEU A 30 7.92 4.87 3.95
N ILE A 31 8.07 6.15 4.30
CA ILE A 31 8.94 6.49 5.43
C ILE A 31 8.37 5.92 6.73
N ARG A 32 7.05 5.97 6.89
CA ARG A 32 6.43 5.37 8.07
C ARG A 32 6.68 3.87 8.12
N LEU A 33 6.54 3.21 6.96
CA LEU A 33 6.83 1.77 6.90
C LEU A 33 8.25 1.48 7.34
N PHE A 34 9.21 2.22 6.80
CA PHE A 34 10.62 1.94 7.08
C PHE A 34 10.99 2.29 8.51
N LYS A 35 10.34 3.28 9.10
CA LYS A 35 10.62 3.60 10.50
C LYS A 35 9.98 2.58 11.43
N SER A 36 8.76 2.14 11.13
CA SER A 36 8.07 1.20 11.99
C SER A 36 8.60 -0.22 11.84
N HIS A 37 9.09 -0.57 10.65
CA HIS A 37 9.54 -1.93 10.34
C HIS A 37 10.79 -1.83 9.47
N PRO A 38 11.94 -1.50 10.08
CA PRO A 38 13.13 -1.21 9.29
C PRO A 38 13.58 -2.37 8.41
N GLU A 39 13.23 -3.60 8.77
CA GLU A 39 13.60 -4.75 7.94
C GLU A 39 13.01 -4.64 6.54
N THR A 40 11.85 -3.96 6.39
CA THR A 40 11.24 -3.85 5.07
C THR A 40 12.10 -3.04 4.10
N LEU A 41 12.89 -2.08 4.61
CA LEU A 41 13.72 -1.27 3.72
C LEU A 41 14.75 -2.13 2.98
N GLU A 42 15.19 -3.23 3.60
CA GLU A 42 16.18 -4.11 3.00
C GLU A 42 15.72 -4.72 1.68
N LYS A 43 14.41 -4.73 1.41
CA LYS A 43 13.92 -5.30 0.16
C LYS A 43 14.10 -4.38 -1.02
N PHE A 44 14.36 -3.10 -0.80
CA PHE A 44 14.47 -2.11 -1.87
C PHE A 44 15.95 -1.85 -2.16
N ASP A 45 16.49 -2.59 -3.14
CA ASP A 45 17.92 -2.46 -3.41
C ASP A 45 18.29 -1.06 -3.90
N ARG A 46 17.35 -0.33 -4.51
N ARG A 46 17.34 -0.36 -4.53
CA ARG A 46 17.68 0.97 -5.07
CA ARG A 46 17.61 0.99 -5.05
C ARG A 46 17.87 2.04 -4.00
C ARG A 46 17.99 1.95 -3.94
N PHE A 47 17.35 1.84 -2.77
CA PHE A 47 17.60 2.82 -1.73
C PHE A 47 17.65 2.24 -0.33
N LYS A 48 17.94 0.94 -0.16
CA LYS A 48 18.12 0.38 1.17
C LYS A 48 19.28 1.00 1.92
N HIS A 49 20.14 1.79 1.25
CA HIS A 49 21.25 2.45 1.92
C HIS A 49 20.83 3.70 2.70
N LEU A 50 19.63 4.23 2.47
CA LEU A 50 19.22 5.44 3.16
C LEU A 50 19.20 5.22 4.67
N LYS A 51 19.79 6.16 5.42
CA LYS A 51 20.00 5.96 6.84
C LYS A 51 19.01 6.71 7.73
N THR A 52 18.42 7.80 7.25
CA THR A 52 17.64 8.71 8.09
C THR A 52 16.38 9.15 7.36
N GLU A 53 15.43 9.68 8.13
CA GLU A 53 14.22 10.22 7.50
C GLU A 53 14.56 11.37 6.57
N ALA A 54 15.56 12.19 6.92
CA ALA A 54 15.96 13.28 6.04
C ALA A 54 16.45 12.76 4.70
N GLU A 55 17.30 11.73 4.72
CA GLU A 55 17.76 11.17 3.45
C GLU A 55 16.60 10.59 2.66
N MET A 56 15.64 10.02 3.37
CA MET A 56 14.48 9.41 2.74
C MET A 56 13.65 10.46 2.03
N LYS A 57 13.47 11.61 2.69
CA LYS A 57 12.66 12.69 2.14
C LYS A 57 13.31 13.32 0.93
N ALA A 58 14.64 13.31 0.87
CA ALA A 58 15.37 13.92 -0.22
C ALA A 58 15.60 12.96 -1.39
N SER A 59 15.19 11.70 -1.27
CA SER A 59 15.45 10.69 -2.28
C SER A 59 14.42 10.79 -3.41
N GLU A 60 14.87 11.16 -4.60
CA GLU A 60 13.94 11.18 -5.73
C GLU A 60 13.47 9.75 -6.07
N ASP A 61 14.35 8.75 -5.93
CA ASP A 61 13.97 7.38 -6.22
C ASP A 61 12.87 6.88 -5.28
N LEU A 62 13.02 7.17 -3.98
CA LEU A 62 11.96 6.81 -3.04
C LEU A 62 10.65 7.49 -3.37
N LYS A 63 10.71 8.79 -3.73
CA LYS A 63 9.49 9.51 -4.09
C LYS A 63 8.80 8.85 -5.29
N LYS A 64 9.59 8.49 -6.30
CA LYS A 64 9.01 7.84 -7.48
C LYS A 64 8.40 6.50 -7.11
N GLN A 65 9.05 5.77 -6.20
CA GLN A 65 8.50 4.49 -5.77
C GLN A 65 7.16 4.68 -5.06
N GLY A 66 7.09 5.71 -4.20
CA GLY A 66 5.84 5.97 -3.49
C GLY A 66 4.70 6.26 -4.45
N VAL A 67 4.97 7.02 -5.52
CA VAL A 67 3.96 7.27 -6.54
C VAL A 67 3.55 5.98 -7.21
N THR A 68 4.53 5.13 -7.53
CA THR A 68 4.24 3.85 -8.20
C THR A 68 3.35 2.96 -7.34
N VAL A 69 3.69 2.81 -6.06
N VAL A 69 3.66 2.84 -6.05
CA VAL A 69 2.91 2.00 -5.14
CA VAL A 69 2.87 1.93 -5.20
C VAL A 69 1.48 2.51 -5.07
C VAL A 69 1.46 2.48 -4.98
N LEU A 70 1.33 3.79 -4.74
CA LEU A 70 0.00 4.31 -4.42
C LEU A 70 -0.87 4.38 -5.66
N THR A 71 -0.27 4.62 -6.83
CA THR A 71 -1.06 4.61 -8.07
C THR A 71 -1.53 3.20 -8.41
N ALA A 72 -0.67 2.20 -8.24
CA ALA A 72 -1.10 0.82 -8.47
C ALA A 72 -2.19 0.40 -7.48
N LEU A 73 -2.03 0.75 -6.20
CA LEU A 73 -3.05 0.44 -5.20
C LEU A 73 -4.35 1.19 -5.50
N GLY A 74 -4.24 2.45 -5.91
CA GLY A 74 -5.44 3.20 -6.27
C GLY A 74 -6.21 2.56 -7.40
N ALA A 75 -5.50 2.08 -8.43
CA ALA A 75 -6.18 1.40 -9.53
C ALA A 75 -6.92 0.15 -9.03
N ILE A 76 -6.31 -0.57 -8.11
CA ILE A 76 -6.94 -1.75 -7.52
C ILE A 76 -8.19 -1.34 -6.74
N LEU A 77 -8.07 -0.30 -5.91
CA LEU A 77 -9.22 0.11 -5.09
C LEU A 77 -10.39 0.57 -5.97
N LYS A 78 -10.10 1.26 -7.08
CA LYS A 78 -11.14 1.74 -7.96
C LYS A 78 -11.88 0.61 -8.66
N LYS A 79 -11.30 -0.59 -8.73
CA LYS A 79 -12.01 -1.77 -9.24
C LYS A 79 -13.02 -2.33 -8.25
N LYS A 80 -13.00 -1.87 -6.99
CA LYS A 80 -13.97 -2.23 -5.98
C LYS A 80 -14.11 -3.74 -5.88
N GLY A 81 -12.96 -4.43 -5.82
CA GLY A 81 -12.91 -5.86 -5.64
C GLY A 81 -12.77 -6.66 -6.93
N HIS A 82 -13.05 -6.04 -8.07
CA HIS A 82 -12.93 -6.69 -9.37
C HIS A 82 -11.52 -6.49 -9.95
N HIS A 83 -10.53 -6.98 -9.20
CA HIS A 83 -9.14 -6.57 -9.40
C HIS A 83 -8.26 -7.75 -9.82
N GLU A 84 -8.89 -8.81 -10.33
N GLU A 84 -8.84 -8.82 -10.35
CA GLU A 84 -8.18 -10.01 -10.77
CA GLU A 84 -8.04 -9.99 -10.67
C GLU A 84 -7.02 -9.66 -11.70
C GLU A 84 -6.97 -9.67 -11.72
N ALA A 85 -7.30 -8.84 -12.72
CA ALA A 85 -6.30 -8.54 -13.75
C ALA A 85 -5.15 -7.73 -13.17
N GLU A 86 -5.47 -6.80 -12.27
CA GLU A 86 -4.45 -5.95 -11.66
C GLU A 86 -3.55 -6.76 -10.71
N LEU A 87 -4.12 -7.74 -10.03
CA LEU A 87 -3.33 -8.50 -9.06
C LEU A 87 -2.40 -9.51 -9.71
N LYS A 88 -2.67 -9.95 -10.95
CA LYS A 88 -1.82 -10.96 -11.55
C LYS A 88 -0.36 -10.52 -11.65
N PRO A 89 -0.03 -9.43 -12.35
CA PRO A 89 1.40 -9.06 -12.46
C PRO A 89 2.00 -8.63 -11.14
N LEU A 90 1.20 -8.01 -10.27
CA LEU A 90 1.68 -7.55 -8.98
C LEU A 90 2.03 -8.72 -8.08
N ALA A 91 1.12 -9.70 -7.99
CA ALA A 91 1.45 -10.90 -7.23
C ALA A 91 2.69 -11.59 -7.79
N GLN A 92 2.81 -11.67 -9.11
CA GLN A 92 3.95 -12.42 -9.65
C GLN A 92 5.26 -11.72 -9.32
N SER A 93 5.34 -10.41 -9.54
CA SER A 93 6.59 -9.71 -9.25
C SER A 93 6.91 -9.75 -7.77
N HIS A 94 5.90 -9.60 -6.90
CA HIS A 94 6.19 -9.47 -5.48
C HIS A 94 6.44 -10.83 -4.84
N ALA A 95 5.88 -11.90 -5.41
CA ALA A 95 6.20 -13.24 -4.93
C ALA A 95 7.58 -13.67 -5.38
N THR A 96 7.90 -13.49 -6.65
CA THR A 96 9.01 -14.18 -7.31
C THR A 96 10.25 -13.31 -7.47
N LYS A 97 10.08 -12.02 -7.77
CA LYS A 97 11.22 -11.14 -7.96
C LYS A 97 11.59 -10.44 -6.64
N HIS A 98 10.63 -9.73 -6.04
CA HIS A 98 10.94 -8.93 -4.86
C HIS A 98 10.90 -9.73 -3.57
N LYS A 99 10.10 -10.80 -3.50
CA LYS A 99 10.05 -11.73 -2.38
C LYS A 99 9.50 -10.96 -1.17
N ILE A 100 8.25 -10.50 -1.27
CA ILE A 100 7.62 -9.69 -0.24
C ILE A 100 6.62 -10.57 0.53
N PRO A 101 6.90 -10.94 1.77
CA PRO A 101 5.93 -11.75 2.52
C PRO A 101 4.62 -11.02 2.80
N ILE A 102 3.55 -11.79 2.96
CA ILE A 102 2.26 -11.21 3.34
C ILE A 102 2.42 -10.32 4.57
N LYS A 103 3.29 -10.73 5.50
CA LYS A 103 3.51 -9.97 6.72
C LYS A 103 3.94 -8.54 6.39
N TYR A 104 4.72 -8.36 5.31
CA TYR A 104 5.15 -7.02 4.93
C TYR A 104 4.05 -6.24 4.24
N LEU A 105 3.14 -6.93 3.54
CA LEU A 105 1.97 -6.23 3.01
C LEU A 105 1.06 -5.78 4.14
N GLU A 106 1.01 -6.54 5.24
CA GLU A 106 0.31 -6.07 6.43
C GLU A 106 0.98 -4.81 6.97
N PHE A 107 2.32 -4.80 7.02
CA PHE A 107 3.05 -3.62 7.49
C PHE A 107 2.74 -2.39 6.65
N ILE A 108 2.73 -2.54 5.33
CA ILE A 108 2.49 -1.34 4.53
C ILE A 108 1.03 -0.93 4.64
N SER A 109 0.10 -1.88 4.82
CA SER A 109 -1.29 -1.51 5.07
C SER A 109 -1.41 -0.70 6.35
N GLU A 110 -0.69 -1.13 7.39
N GLU A 110 -0.66 -1.09 7.38
CA GLU A 110 -0.65 -0.38 8.65
CA GLU A 110 -0.68 -0.36 8.64
C GLU A 110 -0.15 1.04 8.42
C GLU A 110 -0.13 1.05 8.45
N ALA A 111 0.89 1.20 7.60
CA ALA A 111 1.45 2.52 7.33
C ALA A 111 0.47 3.39 6.58
N ILE A 112 -0.26 2.81 5.61
CA ILE A 112 -1.25 3.58 4.86
C ILE A 112 -2.34 4.09 5.80
N ILE A 113 -2.81 3.22 6.68
CA ILE A 113 -3.87 3.61 7.60
C ILE A 113 -3.38 4.69 8.55
N HIS A 114 -2.14 4.55 9.03
CA HIS A 114 -1.58 5.53 9.95
C HIS A 114 -1.49 6.91 9.30
N VAL A 115 -1.00 6.97 8.06
CA VAL A 115 -0.82 8.26 7.39
C VAL A 115 -2.17 8.89 7.05
N LEU A 116 -3.12 8.08 6.55
CA LEU A 116 -4.45 8.63 6.27
C LEU A 116 -5.12 9.13 7.55
N HIS A 117 -4.94 8.40 8.66
CA HIS A 117 -5.53 8.85 9.92
C HIS A 117 -4.98 10.21 10.33
N SER A 118 -3.68 10.41 10.11
CA SER A 118 -3.01 11.64 10.51
C SER A 118 -3.35 12.78 9.56
N ARG A 119 -3.37 12.52 8.25
CA ARG A 119 -3.53 13.60 7.27
C ARG A 119 -4.98 13.98 7.03
N HIS A 120 -5.92 13.03 7.19
CA HIS A 120 -7.28 13.19 6.66
C HIS A 120 -8.34 12.87 7.70
N PRO A 121 -8.32 13.54 8.85
CA PRO A 121 -9.39 13.32 9.84
C PRO A 121 -10.77 13.67 9.30
N GLY A 122 -10.87 14.51 8.27
CA GLY A 122 -12.16 14.86 7.70
C GLY A 122 -12.78 13.79 6.82
N ASN A 123 -11.97 12.84 6.35
CA ASN A 123 -12.45 11.73 5.52
C ASN A 123 -11.94 10.40 6.01
N PHE A 124 -11.36 10.34 7.21
CA PHE A 124 -10.85 9.08 7.73
C PHE A 124 -11.24 8.95 9.18
N GLY A 125 -12.52 9.17 9.48
CA GLY A 125 -13.05 8.80 10.77
C GLY A 125 -13.15 7.29 10.90
N ALA A 126 -13.80 6.86 11.99
CA ALA A 126 -13.83 5.43 12.34
C ALA A 126 -14.44 4.58 11.23
N ASP A 127 -15.60 5.00 10.69
CA ASP A 127 -16.24 4.20 9.65
C ASP A 127 -15.38 4.12 8.40
N ALA A 128 -14.79 5.24 8.00
CA ALA A 128 -13.94 5.24 6.81
C ALA A 128 -12.70 4.38 7.03
N GLN A 129 -12.09 4.45 8.22
CA GLN A 129 -10.91 3.63 8.47
C GLN A 129 -11.27 2.15 8.45
N GLY A 130 -12.43 1.79 9.00
CA GLY A 130 -12.89 0.41 8.91
C GLY A 130 -13.08 -0.05 7.48
N ALA A 131 -13.65 0.82 6.63
CA ALA A 131 -13.82 0.46 5.22
C ALA A 131 -12.47 0.26 4.54
N MET A 132 -11.53 1.18 4.76
CA MET A 132 -10.18 1.01 4.21
C MET A 132 -9.53 -0.26 4.71
N ASN A 133 -9.64 -0.56 6.01
CA ASN A 133 -9.09 -1.81 6.48
C ASN A 133 -9.71 -2.99 5.75
N LYS A 134 -11.04 -2.97 5.55
N LYS A 134 -11.04 -2.98 5.57
CA LYS A 134 -11.70 -4.07 4.85
CA LYS A 134 -11.69 -4.06 4.84
C LYS A 134 -11.19 -4.19 3.42
C LYS A 134 -11.13 -4.19 3.44
N ALA A 135 -10.95 -3.06 2.75
CA ALA A 135 -10.46 -3.09 1.37
C ALA A 135 -9.04 -3.63 1.33
N LEU A 136 -8.20 -3.24 2.30
CA LEU A 136 -6.82 -3.71 2.31
C LEU A 136 -6.73 -5.17 2.73
N GLU A 137 -7.64 -5.62 3.62
CA GLU A 137 -7.68 -7.04 3.98
C GLU A 137 -8.06 -7.88 2.78
N LEU A 138 -9.03 -7.40 1.99
CA LEU A 138 -9.44 -8.10 0.77
C LEU A 138 -8.29 -8.19 -0.21
N PHE A 139 -7.59 -7.06 -0.40
CA PHE A 139 -6.40 -7.04 -1.24
C PHE A 139 -5.38 -8.08 -0.80
N ARG A 140 -5.04 -8.09 0.50
CA ARG A 140 -4.06 -9.05 1.01
C ARG A 140 -4.57 -10.48 0.91
N LYS A 141 -5.87 -10.68 1.12
CA LYS A 141 -6.44 -12.03 1.02
C LYS A 141 -6.28 -12.55 -0.41
N ASP A 142 -6.65 -11.74 -1.39
CA ASP A 142 -6.58 -12.19 -2.78
C ASP A 142 -5.14 -12.32 -3.25
N ILE A 143 -4.26 -11.40 -2.81
CA ILE A 143 -2.84 -11.50 -3.13
C ILE A 143 -2.25 -12.78 -2.55
N ALA A 144 -2.61 -13.10 -1.30
CA ALA A 144 -2.07 -14.31 -0.68
C ALA A 144 -2.50 -15.56 -1.44
N ALA A 145 -3.77 -15.61 -1.87
CA ALA A 145 -4.21 -16.73 -2.69
C ALA A 145 -3.42 -16.84 -3.98
N LYS A 146 -3.10 -15.71 -4.60
CA LYS A 146 -2.32 -15.73 -5.82
C LYS A 146 -0.89 -16.18 -5.54
N TYR A 147 -0.30 -15.69 -4.44
CA TYR A 147 1.02 -16.17 -4.00
C TYR A 147 1.07 -17.69 -3.97
N LYS A 148 0.05 -18.31 -3.35
CA LYS A 148 0.04 -19.77 -3.23
C LYS A 148 -0.05 -20.44 -4.60
N GLU A 149 -0.88 -19.88 -5.50
CA GLU A 149 -0.96 -20.40 -6.86
C GLU A 149 0.38 -20.32 -7.55
N LEU A 150 1.16 -19.27 -7.26
CA LEU A 150 2.46 -19.04 -7.89
C LEU A 150 3.59 -19.80 -7.25
N GLY A 151 3.34 -20.51 -6.14
CA GLY A 151 4.36 -21.31 -5.51
C GLY A 151 5.08 -20.66 -4.35
N TYR A 152 4.60 -19.52 -3.88
CA TYR A 152 5.23 -18.75 -2.81
C TYR A 152 4.40 -18.83 -1.55
N GLN A 153 5.01 -19.30 -0.47
CA GLN A 153 4.43 -19.13 0.86
C GLN A 153 4.73 -17.70 1.28
N GLY A 154 3.69 -16.89 1.42
CA GLY A 154 3.89 -15.48 1.71
C GLY A 154 4.42 -15.26 3.11
CHA HEM B . 7.89 -2.65 -7.05
CHB HEM B . 3.18 -1.97 -5.99
CHC HEM B . 3.98 -3.46 -1.42
CHD HEM B . 8.66 -4.12 -2.51
C1A HEM B . 6.55 -2.34 -7.15
C2A HEM B . 5.88 -1.92 -8.36
C3A HEM B . 4.59 -1.73 -8.06
C4A HEM B . 4.38 -2.03 -6.67
CMA HEM B . 3.49 -1.28 -9.03
CAA HEM B . 6.55 -1.73 -9.75
CBA HEM B . 6.13 -2.88 -10.68
CGA HEM B . 6.44 -4.24 -10.06
O1A HEM B . 5.48 -5.01 -9.79
O2A HEM B . 7.63 -4.55 -9.83
C1B HEM B . 3.01 -2.32 -4.68
C2B HEM B . 1.75 -2.29 -3.96
C3B HEM B . 1.97 -2.71 -2.71
C4B HEM B . 3.37 -3.01 -2.58
CMB HEM B . 0.41 -1.84 -4.62
CAB HEM B . 0.98 -2.83 -1.52
CBB HEM B . -0.04 -1.96 -1.40
C1C HEM B . 5.34 -3.68 -1.30
C2C HEM B . 6.06 -3.90 -0.07
C3C HEM B . 7.35 -4.07 -0.36
C4C HEM B . 7.49 -3.97 -1.80
CMC HEM B . 5.38 -3.89 1.32
CAC HEM B . 8.58 -4.33 0.56
CBC HEM B . 8.55 -4.41 1.90
C1D HEM B . 8.85 -3.75 -3.82
C2D HEM B . 10.14 -3.65 -4.47
C3D HEM B . 9.93 -3.24 -5.72
C4D HEM B . 8.51 -3.07 -5.91
CMD HEM B . 11.50 -3.97 -3.82
CAD HEM B . 11.01 -2.99 -6.78
CBD HEM B . 11.50 -1.56 -6.52
CGD HEM B . 12.64 -1.21 -7.45
O1D HEM B . 13.79 -1.12 -6.97
O2D HEM B . 12.39 -1.05 -8.66
NA HEM B . 5.61 -2.41 -6.12
NB HEM B . 3.99 -2.78 -3.80
NC HEM B . 6.25 -3.74 -2.35
ND HEM B . 7.89 -3.37 -4.72
FE HEM B . 5.96 -3.11 -4.29
C1 ACM C . 6.60 -0.96 -3.25
O ACM C . 7.46 -1.34 -3.97
N ACM C . 6.89 -0.02 -2.18
C2 ACM C . 5.20 -1.47 -3.44
C1 GOL D . -16.59 10.52 6.34
O1 GOL D . -16.25 11.88 6.58
C2 GOL D . -15.60 9.59 7.15
O2 GOL D . -14.78 10.28 8.02
C3 GOL D . -16.48 8.53 7.87
O3 GOL D . -15.72 7.94 8.89
C1 GOL E . 4.41 9.48 12.61
O1 GOL E . 5.44 8.70 12.04
C2 GOL E . 3.72 10.31 11.46
O2 GOL E . 2.44 10.75 11.83
C3 GOL E . 3.70 9.39 10.18
O3 GOL E . 3.51 10.21 9.04
S SO4 F . 16.20 11.50 11.16
O1 SO4 F . 16.20 12.35 9.95
O2 SO4 F . 17.54 11.22 11.62
O3 SO4 F . 15.43 12.18 12.19
O4 SO4 F . 15.59 10.17 10.90
S SO4 G . -17.22 8.48 11.92
O1 SO4 G . -17.19 9.33 10.73
O2 SO4 G . -16.08 8.83 12.77
O3 SO4 G . -18.49 8.70 12.63
O4 SO4 G . -17.15 7.07 11.56
S SO4 H . -23.54 0.27 4.26
O1 SO4 H . -23.25 1.67 3.92
O2 SO4 H . -22.31 -0.50 4.24
O3 SO4 H . -24.13 0.21 5.59
O4 SO4 H . -24.48 -0.27 3.27
S SO4 I . 4.47 5.76 17.02
O1 SO4 I . 4.26 6.08 18.43
O2 SO4 I . 5.90 5.60 16.77
O3 SO4 I . 3.95 6.85 16.18
O4 SO4 I . 3.76 4.51 16.71
#